data_2YKK
#
_entry.id   2YKK
#
_cell.length_a   84.170
_cell.length_b   84.170
_cell.length_c   157.571
_cell.angle_alpha   90.00
_cell.angle_beta   90.00
_cell.angle_gamma   120.00
#
_symmetry.space_group_name_H-M   'P 31 2 1'
#
loop_
_entity.id
_entity.type
_entity.pdbx_description
1 polymer CEL44C
2 non-polymer 2-[BIS-(2-HYDROXY-ETHYL)-AMINO]-2-HYDROXYMETHYL-PROPANE-1,3-DIOL
3 non-polymer 'CALCIUM ION'
4 non-polymer 'CHLORIDE ION'
5 non-polymer 'SULFATE ION'
6 non-polymer 'TETRAETHYLENE GLYCOL'
7 water water
#
_entity_poly.entity_id   1
_entity_poly.type   'polypeptide(L)'
_entity_poly.pdbx_seq_one_letter_code
;VVHGQTAKTITIKVDTFKDRKPISPYIYGTNQDLAGDENMAARRLGGNRMTGYNWENNMSNAGSDWQQSSDNYLCSNGGL
TQAECEKPGAVTTSFHDQSLKLGTYSLVTLPMAGYVAKDGNGSVQESEAAPSARWNQVVNAKNAPFQLQPDLNDNYVYVD
EFVHFLVNKYGTASTKAGVKGYALDNEPALWSHTHPRIHGEKVGAKELVDRSVSLSKAVKAIDAGAEVFGPVLYGFGAYK
DLQTAPDWDSVKGNYSWFVDYYLDQMRLSSQVEGKRLLDVFDVHWYPEAMGGGIRITNEVGNDETKKARMQAPRTLWDPT
YKEDSWIAQWNSEFLPILPRLKQSVDKYYPGTKLAMTEYSYGGENDISGGIAMTDVLGILGKNDVYMANYWKLKDGVNNY
VSAAYKLYRNYDGKNSTFGDTSVSAQTSDIVNSSVHASVTNASDKELHLVVMNKSMDSAFDAQFDLSGAKTYISGKVWGF
DKNSSQIKEAAPITQISGNRFTYTVPPLTAYHIVLTTGNDTSPV
;
_entity_poly.pdbx_strand_id   A
#
loop_
_chem_comp.id
_chem_comp.type
_chem_comp.name
_chem_comp.formula
BTB non-polymer 2-[BIS-(2-HYDROXY-ETHYL)-AMINO]-2-HYDROXYMETHYL-PROPANE-1,3-DIOL 'C8 H19 N O5'
CA non-polymer 'CALCIUM ION' 'Ca 2'
CL non-polymer 'CHLORIDE ION' 'Cl -1'
PG4 non-polymer 'TETRAETHYLENE GLYCOL' 'C8 H18 O5'
SO4 non-polymer 'SULFATE ION' 'O4 S -2'
#
# COMPACT_ATOMS: atom_id res chain seq x y z
N ALA A 7 30.31 -5.27 -23.12
CA ALA A 7 29.42 -4.31 -22.39
C ALA A 7 28.20 -3.98 -23.25
N LYS A 8 27.02 -4.39 -22.81
CA LYS A 8 25.82 -4.26 -23.60
C LYS A 8 25.29 -2.81 -23.50
N THR A 9 24.58 -2.35 -24.54
CA THR A 9 23.94 -1.05 -24.53
C THR A 9 22.44 -1.27 -24.52
N ILE A 10 21.73 -0.50 -23.71
CA ILE A 10 20.27 -0.48 -23.70
CA ILE A 10 20.30 -0.51 -23.85
C ILE A 10 19.89 0.90 -24.22
N THR A 11 18.80 0.99 -24.96
CA THR A 11 18.31 2.29 -25.34
CA THR A 11 18.30 2.28 -25.36
C THR A 11 17.05 2.59 -24.54
N ILE A 12 16.98 3.82 -24.02
CA ILE A 12 15.86 4.30 -23.21
C ILE A 12 15.33 5.56 -23.86
N LYS A 13 14.04 5.57 -24.15
CA LYS A 13 13.43 6.73 -24.79
C LYS A 13 12.49 7.37 -23.79
N VAL A 14 12.68 8.65 -23.50
CA VAL A 14 11.83 9.41 -22.57
C VAL A 14 11.20 10.57 -23.35
N ASP A 15 9.88 10.66 -23.29
CA ASP A 15 9.17 11.68 -24.03
C ASP A 15 8.27 12.43 -23.02
N THR A 16 8.66 13.64 -22.67
CA THR A 16 7.96 14.42 -21.65
C THR A 16 6.62 14.97 -22.11
N PHE A 17 6.34 14.84 -23.40
CA PHE A 17 5.03 15.27 -23.90
C PHE A 17 4.01 14.15 -23.87
N LYS A 18 4.48 12.90 -23.75
CA LYS A 18 3.69 11.69 -23.99
C LYS A 18 3.23 10.94 -22.72
N ASP A 19 1.95 10.52 -22.69
CA ASP A 19 1.35 9.75 -21.58
C ASP A 19 1.52 10.44 -20.25
N ARG A 20 1.41 11.76 -20.25
CA ARG A 20 1.43 12.50 -18.95
C ARG A 20 0.22 12.02 -18.13
N LYS A 21 0.44 11.72 -16.86
N LYS A 21 0.48 11.70 -16.86
CA LYS A 21 -0.66 11.35 -15.99
CA LYS A 21 -0.50 11.11 -15.93
C LYS A 21 -0.20 11.54 -14.59
C LYS A 21 -0.12 11.54 -14.53
N PRO A 22 -1.12 11.95 -13.69
CA PRO A 22 -0.72 12.34 -12.34
C PRO A 22 -0.28 11.15 -11.49
N ILE A 23 0.77 11.32 -10.70
CA ILE A 23 1.20 10.26 -9.77
C ILE A 23 0.61 10.64 -8.41
N SER A 24 -0.31 9.82 -7.90
CA SER A 24 -0.84 10.10 -6.55
C SER A 24 0.29 10.05 -5.52
N PRO A 25 0.44 11.10 -4.70
CA PRO A 25 1.52 11.04 -3.73
C PRO A 25 1.29 9.94 -2.73
N TYR A 26 0.04 9.47 -2.58
CA TYR A 26 -0.19 8.45 -1.52
C TYR A 26 0.30 7.05 -1.89
N ILE A 27 0.90 6.88 -3.09
CA ILE A 27 1.61 5.62 -3.35
C ILE A 27 2.94 5.57 -2.57
N TYR A 28 3.37 6.69 -1.98
CA TYR A 28 4.59 6.66 -1.13
C TYR A 28 4.06 6.55 0.30
N GLY A 29 3.66 5.33 0.66
CA GLY A 29 2.91 5.18 1.92
C GLY A 29 3.39 4.00 2.70
N THR A 30 3.11 3.97 3.99
CA THR A 30 3.54 2.81 4.77
C THR A 30 2.54 2.49 5.86
N ASN A 31 2.73 1.29 6.44
CA ASN A 31 2.02 0.88 7.65
C ASN A 31 2.91 1.22 8.83
N GLN A 32 3.90 0.42 9.14
CA GLN A 32 4.93 0.83 10.13
C GLN A 32 5.81 1.96 9.64
N ASP A 33 6.06 2.96 10.47
CA ASP A 33 7.05 3.96 10.04
C ASP A 33 8.41 3.26 9.92
N LEU A 34 9.23 3.67 8.94
CA LEU A 34 10.54 3.04 8.72
C LEU A 34 11.61 3.87 9.44
N ALA A 35 12.66 4.31 8.76
CA ALA A 35 13.68 5.06 9.46
C ALA A 35 13.19 6.43 9.92
N GLY A 36 12.35 7.08 9.13
CA GLY A 36 11.81 8.38 9.50
C GLY A 36 12.22 9.50 8.56
N ASP A 37 13.11 9.21 7.62
CA ASP A 37 13.55 10.20 6.64
C ASP A 37 13.16 9.79 5.22
N GLU A 38 12.13 8.93 5.11
CA GLU A 38 11.65 8.51 3.79
C GLU A 38 10.70 9.54 3.16
N ASN A 39 10.25 10.52 3.96
CA ASN A 39 9.34 11.55 3.40
C ASN A 39 8.09 10.92 2.78
N MET A 40 7.44 10.05 3.56
CA MET A 40 6.21 9.39 3.14
C MET A 40 5.09 10.42 2.99
N ALA A 41 4.07 10.08 2.18
CA ALA A 41 2.89 10.95 2.05
C ALA A 41 1.61 10.34 2.64
N ALA A 42 1.67 9.07 3.04
CA ALA A 42 0.46 8.37 3.54
C ALA A 42 0.86 7.36 4.58
N ARG A 43 0.05 7.25 5.63
CA ARG A 43 0.27 6.29 6.72
C ARG A 43 -1.01 5.58 7.02
N ARG A 44 -0.91 4.29 7.34
CA ARG A 44 -2.07 3.46 7.66
C ARG A 44 -1.98 2.88 9.06
N LEU A 45 -3.11 2.91 9.78
CA LEU A 45 -3.25 2.19 11.06
C LEU A 45 -4.21 1.02 10.76
N GLY A 46 -3.65 -0.18 10.55
CA GLY A 46 -4.41 -1.28 9.97
C GLY A 46 -3.74 -2.60 10.27
N GLY A 47 -4.17 -3.65 9.59
CA GLY A 47 -3.60 -4.98 9.81
C GLY A 47 -4.36 -5.72 10.91
N ASN A 48 -3.87 -6.92 11.22
CA ASN A 48 -4.65 -7.85 12.06
C ASN A 48 -5.05 -7.30 13.46
N ARG A 49 -4.17 -6.51 14.07
CA ARG A 49 -4.47 -5.98 15.40
C ARG A 49 -5.66 -5.03 15.40
N MET A 50 -6.01 -4.44 14.24
CA MET A 50 -7.13 -3.45 14.24
C MET A 50 -8.54 -4.05 14.27
N THR A 51 -8.69 -5.31 13.86
CA THR A 51 -10.03 -5.95 13.85
C THR A 51 -10.70 -5.88 15.24
N GLY A 52 -9.91 -6.23 16.29
CA GLY A 52 -10.45 -6.24 17.67
C GLY A 52 -9.97 -5.11 18.55
N TYR A 53 -9.44 -4.05 17.93
CA TYR A 53 -9.05 -2.85 18.67
C TYR A 53 -10.26 -2.10 19.23
N ASN A 54 -10.19 -1.77 20.52
CA ASN A 54 -11.30 -1.16 21.23
C ASN A 54 -10.85 0.28 21.46
N TRP A 55 -11.47 1.25 20.79
CA TRP A 55 -11.01 2.62 20.88
C TRP A 55 -11.14 3.21 22.27
N GLU A 56 -12.09 2.70 23.07
CA GLU A 56 -12.33 3.25 24.40
C GLU A 56 -11.18 3.01 25.37
N ASN A 57 -10.54 1.82 25.32
CA ASN A 57 -9.46 1.52 26.28
C ASN A 57 -8.14 1.15 25.61
N ASN A 58 -8.10 1.26 24.28
CA ASN A 58 -6.89 0.98 23.45
C ASN A 58 -6.41 -0.46 23.45
N MET A 59 -7.18 -1.38 24.02
CA MET A 59 -6.83 -2.79 24.00
C MET A 59 -7.11 -3.41 22.63
N SER A 60 -6.43 -4.49 22.30
CA SER A 60 -6.64 -5.19 20.98
C SER A 60 -6.22 -6.63 21.17
N ASN A 61 -6.50 -7.49 20.17
CA ASN A 61 -6.22 -8.87 20.27
C ASN A 61 -5.37 -9.29 19.05
N ALA A 62 -4.26 -9.97 19.33
CA ALA A 62 -3.31 -10.36 18.27
C ALA A 62 -3.87 -11.46 17.41
N GLY A 63 -4.92 -12.11 17.86
CA GLY A 63 -5.45 -13.33 17.17
C GLY A 63 -4.35 -14.39 17.01
N SER A 64 -4.34 -15.08 15.85
CA SER A 64 -3.44 -16.19 15.62
C SER A 64 -1.98 -15.75 15.45
N ASP A 65 -1.73 -14.45 15.36
CA ASP A 65 -0.34 -13.96 15.31
C ASP A 65 0.35 -14.11 16.65
N TRP A 66 -0.42 -14.05 17.76
CA TRP A 66 0.20 -14.23 19.09
C TRP A 66 -0.81 -14.65 20.16
N GLN A 67 -0.93 -15.96 20.37
CA GLN A 67 -1.66 -16.52 21.56
C GLN A 67 -3.11 -16.10 21.72
N GLN A 68 -3.74 -15.62 20.64
CA GLN A 68 -5.08 -14.98 20.73
C GLN A 68 -5.08 -14.00 21.93
N SER A 69 -4.02 -13.18 22.01
CA SER A 69 -3.77 -12.41 23.25
C SER A 69 -4.41 -11.03 23.18
N SER A 70 -5.25 -10.69 24.14
CA SER A 70 -5.70 -9.30 24.33
C SER A 70 -4.69 -8.53 25.19
N ASP A 71 -4.23 -7.39 24.71
CA ASP A 71 -3.20 -6.66 25.46
C ASP A 71 -3.05 -5.25 24.93
N ASN A 72 -2.08 -4.53 25.50
CA ASN A 72 -1.82 -3.15 25.17
C ASN A 72 -0.77 -2.96 24.07
N TYR A 73 -0.56 -3.96 23.19
CA TYR A 73 0.47 -3.87 22.16
C TYR A 73 0.37 -2.58 21.34
N LEU A 74 -0.84 -2.14 20.98
CA LEU A 74 -0.92 -0.93 20.13
C LEU A 74 -0.47 0.35 20.88
N CYS A 75 -0.61 0.37 22.19
CA CYS A 75 -0.07 1.49 23.01
C CYS A 75 1.42 1.42 22.95
N SER A 76 1.95 0.22 23.15
CA SER A 76 3.42 0.04 23.18
C SER A 76 4.01 0.40 21.84
N ASN A 77 3.47 -0.19 20.78
CA ASN A 77 3.95 0.06 19.43
C ASN A 77 3.82 1.51 18.98
N GLY A 78 2.81 2.21 19.47
CA GLY A 78 2.62 3.64 19.13
C GLY A 78 3.43 4.59 19.99
N GLY A 79 4.17 4.05 20.95
CA GLY A 79 4.98 4.85 21.89
C GLY A 79 4.25 5.60 22.98
N LEU A 80 3.04 5.17 23.34
CA LEU A 80 2.28 5.80 24.39
C LEU A 80 2.78 5.37 25.78
N THR A 81 2.70 6.28 26.75
CA THR A 81 2.93 5.96 28.15
C THR A 81 1.77 5.19 28.68
N GLN A 82 1.95 4.52 29.81
CA GLN A 82 0.86 3.87 30.48
C GLN A 82 -0.32 4.84 30.77
N ALA A 83 -0.03 6.09 31.11
CA ALA A 83 -1.11 7.08 31.36
C ALA A 83 -1.88 7.39 30.07
N GLU A 84 -1.15 7.57 29.00
CA GLU A 84 -1.79 7.87 27.71
C GLU A 84 -2.63 6.70 27.23
N CYS A 85 -2.15 5.48 27.47
CA CYS A 85 -2.89 4.24 27.14
C CYS A 85 -4.28 4.14 27.83
N GLU A 86 -4.47 4.84 28.95
CA GLU A 86 -5.78 4.92 29.56
C GLU A 86 -6.75 5.89 28.89
N LYS A 87 -6.27 6.80 28.05
CA LYS A 87 -7.15 7.81 27.45
C LYS A 87 -7.92 7.25 26.25
N PRO A 88 -9.27 7.41 26.22
CA PRO A 88 -10.04 7.00 25.02
C PRO A 88 -9.44 7.54 23.74
N GLY A 89 -9.33 6.67 22.75
CA GLY A 89 -8.86 7.06 21.41
C GLY A 89 -7.36 7.27 21.26
N ALA A 90 -6.60 7.15 22.37
CA ALA A 90 -5.17 7.57 22.35
C ALA A 90 -4.28 6.88 21.27
N VAL A 91 -4.51 5.58 21.01
CA VAL A 91 -3.74 4.90 19.93
C VAL A 91 -3.97 5.61 18.59
N THR A 92 -5.21 5.99 18.34
CA THR A 92 -5.55 6.59 17.04
C THR A 92 -5.15 8.07 16.98
N THR A 93 -5.37 8.79 18.08
CA THR A 93 -5.02 10.21 18.08
C THR A 93 -3.49 10.39 18.13
N SER A 94 -2.76 9.51 18.80
CA SER A 94 -1.29 9.58 18.73
C SER A 94 -0.82 9.32 17.29
N PHE A 95 -1.47 8.34 16.64
CA PHE A 95 -1.14 7.97 15.25
C PHE A 95 -1.42 9.17 14.34
N HIS A 96 -2.61 9.75 14.48
CA HIS A 96 -2.96 10.90 13.62
C HIS A 96 -2.15 12.17 13.92
N ASP A 97 -1.84 12.42 15.18
CA ASP A 97 -0.95 13.55 15.50
C ASP A 97 0.37 13.44 14.75
N GLN A 98 0.89 12.21 14.68
CA GLN A 98 2.15 11.97 13.97
C GLN A 98 1.95 12.20 12.47
N SER A 99 0.79 11.81 11.94
CA SER A 99 0.51 12.12 10.51
C SER A 99 0.50 13.64 10.27
N LEU A 100 -0.10 14.39 11.20
CA LEU A 100 -0.18 15.83 11.03
C LEU A 100 1.22 16.44 11.06
N LYS A 101 2.08 15.93 11.94
CA LYS A 101 3.45 16.41 12.10
C LYS A 101 4.22 16.15 10.80
N LEU A 102 4.00 14.96 10.23
CA LEU A 102 4.73 14.52 9.02
C LEU A 102 4.08 14.98 7.73
N GLY A 103 2.88 15.50 7.81
CA GLY A 103 2.17 15.94 6.61
C GLY A 103 1.59 14.80 5.78
N THR A 104 1.15 13.72 6.43
CA THR A 104 0.66 12.55 5.65
C THR A 104 -0.85 12.38 5.77
N TYR A 105 -1.42 11.66 4.81
CA TYR A 105 -2.81 11.16 4.93
C TYR A 105 -2.86 10.17 6.08
N SER A 106 -4.00 10.08 6.78
CA SER A 106 -4.15 9.00 7.77
C SER A 106 -5.31 8.12 7.32
N LEU A 107 -5.04 6.82 7.22
CA LEU A 107 -6.11 5.84 6.97
C LEU A 107 -6.25 5.00 8.26
N VAL A 108 -7.45 4.98 8.85
CA VAL A 108 -7.68 4.35 10.17
C VAL A 108 -8.69 3.23 9.99
N THR A 109 -8.39 2.06 10.52
CA THR A 109 -9.28 0.91 10.36
C THR A 109 -10.36 0.94 11.45
N LEU A 110 -11.58 0.57 11.07
CA LEU A 110 -12.74 0.51 11.97
C LEU A 110 -13.12 -0.98 12.06
N PRO A 111 -13.77 -1.40 13.15
CA PRO A 111 -14.01 -2.84 13.35
C PRO A 111 -15.35 -3.29 12.69
N MET A 112 -15.36 -4.47 12.07
CA MET A 112 -16.58 -5.06 11.52
C MET A 112 -16.80 -6.51 11.91
N ALA A 113 -15.84 -7.17 12.51
CA ALA A 113 -15.97 -8.65 12.68
C ALA A 113 -16.93 -8.96 13.81
N GLY A 114 -17.17 -7.97 14.66
CA GLY A 114 -18.34 -7.99 15.55
C GLY A 114 -18.07 -7.68 17.02
N TYR A 115 -16.82 -7.87 17.44
CA TYR A 115 -16.42 -7.65 18.83
C TYR A 115 -15.04 -7.05 18.94
N VAL A 116 -14.77 -6.44 20.09
CA VAL A 116 -13.45 -5.87 20.33
C VAL A 116 -13.01 -6.24 21.75
N ALA A 117 -11.70 -6.19 21.99
CA ALA A 117 -11.15 -6.58 23.29
C ALA A 117 -11.68 -5.78 24.46
N LYS A 118 -12.20 -6.49 25.47
CA LYS A 118 -12.72 -5.81 26.67
C LYS A 118 -11.59 -5.50 27.67
N ASP A 119 -10.48 -6.19 27.58
CA ASP A 119 -9.39 -6.07 28.56
C ASP A 119 -8.03 -6.32 27.94
N GLY A 120 -6.97 -6.31 28.78
CA GLY A 120 -5.65 -6.63 28.30
C GLY A 120 -5.11 -7.85 29.06
N ASN A 121 -5.97 -8.83 29.31
CA ASN A 121 -5.61 -9.95 30.19
CA ASN A 121 -5.55 -9.92 30.19
C ASN A 121 -5.00 -11.16 29.49
N GLY A 122 -4.49 -10.99 28.26
CA GLY A 122 -3.79 -12.10 27.60
C GLY A 122 -4.63 -13.07 26.79
N SER A 123 -4.12 -14.31 26.67
CA SER A 123 -4.72 -15.32 25.78
C SER A 123 -6.22 -15.55 26.06
N VAL A 124 -7.00 -15.65 24.98
CA VAL A 124 -8.41 -15.98 25.01
C VAL A 124 -8.56 -17.42 24.51
N GLN A 125 -9.06 -18.29 25.40
CA GLN A 125 -9.21 -19.71 25.04
C GLN A 125 -10.44 -19.92 24.14
N GLU A 126 -10.53 -21.09 23.52
CA GLU A 126 -11.59 -21.35 22.55
CA GLU A 126 -11.59 -21.38 22.56
C GLU A 126 -12.97 -21.19 23.14
N SER A 127 -13.18 -21.71 24.35
CA SER A 127 -14.54 -21.55 25.01
C SER A 127 -14.81 -20.14 25.51
N GLU A 128 -13.80 -19.26 25.46
CA GLU A 128 -13.96 -17.82 25.80
C GLU A 128 -14.17 -16.96 24.53
N ALA A 129 -14.45 -17.60 23.39
CA ALA A 129 -14.81 -16.87 22.19
C ALA A 129 -16.00 -15.97 22.45
N ALA A 130 -16.07 -14.90 21.68
CA ALA A 130 -17.16 -13.92 21.79
C ALA A 130 -18.49 -14.55 21.44
N PRO A 131 -19.55 -14.20 22.19
CA PRO A 131 -19.59 -13.29 23.34
C PRO A 131 -19.09 -13.95 24.62
N SER A 132 -18.33 -13.19 25.41
CA SER A 132 -17.86 -13.61 26.72
C SER A 132 -17.32 -12.42 27.46
N ALA A 133 -16.87 -12.64 28.69
CA ALA A 133 -16.29 -11.58 29.49
C ALA A 133 -15.04 -10.97 28.90
N ARG A 134 -14.46 -11.58 27.87
CA ARG A 134 -13.23 -11.05 27.25
C ARG A 134 -13.56 -10.01 26.15
N TRP A 135 -14.85 -9.81 25.86
CA TRP A 135 -15.19 -9.05 24.60
C TRP A 135 -16.29 -8.05 24.80
N ASN A 136 -16.17 -6.91 24.14
CA ASN A 136 -17.33 -5.97 23.99
C ASN A 136 -17.91 -6.12 22.58
N GLN A 137 -19.23 -5.91 22.42
CA GLN A 137 -19.87 -6.02 21.11
C GLN A 137 -19.74 -4.69 20.38
N VAL A 138 -19.53 -4.75 19.06
CA VAL A 138 -19.51 -3.53 18.23
C VAL A 138 -20.93 -3.15 17.76
N VAL A 139 -21.28 -1.88 17.90
CA VAL A 139 -22.55 -1.36 17.36
C VAL A 139 -22.16 -0.20 16.45
N ASN A 140 -22.69 -0.20 15.23
CA ASN A 140 -22.26 0.82 14.28
C ASN A 140 -22.79 2.19 14.61
N ALA A 141 -24.06 2.28 14.99
CA ALA A 141 -24.70 3.60 15.24
C ALA A 141 -25.28 3.63 16.65
N LYS A 142 -24.78 4.55 17.47
CA LYS A 142 -25.19 4.64 18.86
C LYS A 142 -26.68 4.97 19.04
N ASN A 143 -27.20 5.87 18.18
CA ASN A 143 -28.61 6.31 18.29
C ASN A 143 -28.89 6.80 19.71
N ALA A 144 -27.94 7.53 20.26
CA ALA A 144 -28.05 8.16 21.57
C ALA A 144 -27.02 9.28 21.57
N PRO A 145 -27.12 10.21 22.53
CA PRO A 145 -26.12 11.29 22.49
C PRO A 145 -24.70 10.76 22.61
N PHE A 146 -23.81 11.30 21.77
CA PHE A 146 -22.41 10.91 21.84
C PHE A 146 -21.69 11.46 23.05
N GLN A 147 -20.74 10.66 23.52
CA GLN A 147 -19.88 11.06 24.63
C GLN A 147 -18.45 11.10 24.14
N LEU A 148 -17.77 12.23 24.41
CA LEU A 148 -16.30 12.31 24.21
C LEU A 148 -15.57 11.46 25.24
N GLN A 149 -16.20 11.25 26.40
CA GLN A 149 -15.68 10.28 27.38
C GLN A 149 -16.66 9.09 27.36
N PRO A 150 -16.41 8.11 26.49
CA PRO A 150 -17.36 7.00 26.32
C PRO A 150 -17.50 6.18 27.60
N ASP A 151 -18.64 5.49 27.74
CA ASP A 151 -18.90 4.63 28.88
C ASP A 151 -17.98 3.43 28.85
N LEU A 152 -17.11 3.33 29.82
CA LEU A 152 -16.08 2.27 29.81
C LEU A 152 -16.56 0.97 30.43
N ASN A 153 -17.73 1.01 31.05
CA ASN A 153 -18.16 -0.14 31.84
C ASN A 153 -19.29 -0.94 31.26
N ASP A 154 -19.82 -0.53 30.12
CA ASP A 154 -20.88 -1.32 29.48
C ASP A 154 -20.25 -2.34 28.53
N ASN A 155 -21.08 -3.04 27.76
CA ASN A 155 -20.61 -4.11 26.94
C ASN A 155 -20.45 -3.71 25.47
N TYR A 156 -20.34 -2.40 25.19
CA TYR A 156 -20.48 -1.91 23.81
C TYR A 156 -19.38 -0.97 23.46
N VAL A 157 -19.02 -0.95 22.19
CA VAL A 157 -18.28 0.16 21.65
CA VAL A 157 -18.29 0.21 21.61
C VAL A 157 -19.11 0.61 20.42
N TYR A 158 -19.24 1.92 20.24
CA TYR A 158 -20.06 2.44 19.16
C TYR A 158 -19.15 3.10 18.13
N VAL A 159 -19.19 2.63 16.88
CA VAL A 159 -18.19 3.07 15.91
C VAL A 159 -18.43 4.54 15.51
N ASP A 160 -19.68 4.90 15.28
CA ASP A 160 -19.93 6.33 14.98
C ASP A 160 -19.52 7.30 16.10
N GLU A 161 -19.59 6.86 17.36
CA GLU A 161 -19.14 7.68 18.51
C GLU A 161 -17.63 7.91 18.40
N PHE A 162 -16.90 6.89 17.94
CA PHE A 162 -15.44 7.04 17.74
C PHE A 162 -15.22 8.04 16.59
N VAL A 163 -15.92 7.86 15.47
CA VAL A 163 -15.77 8.83 14.35
C VAL A 163 -16.12 10.27 14.81
N HIS A 164 -17.18 10.38 15.60
CA HIS A 164 -17.56 11.71 16.18
C HIS A 164 -16.45 12.30 17.02
N PHE A 165 -15.82 11.46 17.84
CA PHE A 165 -14.69 11.86 18.69
C PHE A 165 -13.55 12.42 17.85
N LEU A 166 -13.21 11.72 16.75
CA LEU A 166 -12.12 12.16 15.89
C LEU A 166 -12.47 13.48 15.20
N VAL A 167 -13.69 13.58 14.70
CA VAL A 167 -14.12 14.81 14.01
C VAL A 167 -14.15 15.99 15.02
N ASN A 168 -14.55 15.70 16.25
CA ASN A 168 -14.57 16.75 17.31
C ASN A 168 -13.16 17.29 17.53
N LYS A 169 -12.16 16.42 17.52
CA LYS A 169 -10.80 16.82 17.85
C LYS A 169 -10.11 17.49 16.66
N TYR A 170 -10.33 16.94 15.45
CA TYR A 170 -9.55 17.31 14.27
C TYR A 170 -10.30 18.04 13.17
N GLY A 171 -11.63 18.10 13.25
CA GLY A 171 -12.44 18.58 12.12
C GLY A 171 -12.77 17.46 11.15
N THR A 172 -13.52 17.77 10.09
CA THR A 172 -13.87 16.73 9.12
C THR A 172 -12.75 16.36 8.13
N ALA A 173 -12.94 15.25 7.43
CA ALA A 173 -11.99 14.77 6.44
C ALA A 173 -11.71 15.81 5.37
N SER A 174 -12.69 16.68 5.11
CA SER A 174 -12.50 17.70 4.05
CA SER A 174 -12.55 17.72 4.07
C SER A 174 -11.63 18.86 4.53
N THR A 175 -11.19 18.84 5.79
CA THR A 175 -10.36 19.92 6.30
C THR A 175 -8.90 19.50 6.36
N LYS A 176 -8.02 20.48 6.56
CA LYS A 176 -6.60 20.21 6.61
C LYS A 176 -6.18 19.21 7.69
N ALA A 177 -6.82 19.24 8.86
CA ALA A 177 -6.31 18.44 9.97
C ALA A 177 -7.12 17.13 10.13
N GLY A 178 -8.12 16.93 9.29
CA GLY A 178 -9.05 15.83 9.54
C GLY A 178 -8.45 14.47 9.14
N VAL A 179 -8.99 13.43 9.75
CA VAL A 179 -8.67 12.01 9.39
C VAL A 179 -9.42 11.72 8.10
N LYS A 180 -8.69 11.37 7.04
CA LYS A 180 -9.31 11.36 5.71
C LYS A 180 -9.87 10.03 5.30
N GLY A 181 -9.33 8.92 5.81
CA GLY A 181 -9.73 7.60 5.32
C GLY A 181 -10.09 6.65 6.47
N TYR A 182 -11.14 5.85 6.25
CA TYR A 182 -11.49 4.77 7.19
C TYR A 182 -11.58 3.45 6.41
N ALA A 183 -11.03 2.37 6.98
CA ALA A 183 -11.10 1.08 6.32
C ALA A 183 -12.10 0.18 7.04
N LEU A 184 -12.83 -0.62 6.26
CA LEU A 184 -13.85 -1.52 6.77
C LEU A 184 -13.16 -2.81 7.24
N ASP A 185 -12.61 -2.69 8.45
CA ASP A 185 -11.87 -3.82 9.09
C ASP A 185 -10.65 -4.21 8.23
N ASN A 186 -10.32 -5.51 8.23
CA ASN A 186 -9.04 -5.97 7.66
C ASN A 186 -9.16 -7.44 7.33
N GLU A 187 -8.95 -7.80 6.04
CA GLU A 187 -8.84 -9.25 5.66
C GLU A 187 -10.01 -10.10 6.19
N PRO A 188 -11.24 -9.73 5.78
CA PRO A 188 -12.41 -10.44 6.31
C PRO A 188 -12.43 -11.95 5.95
N ALA A 189 -11.91 -12.32 4.78
CA ALA A 189 -11.88 -13.76 4.40
C ALA A 189 -10.91 -14.56 5.26
N LEU A 190 -10.03 -13.86 6.00
CA LEU A 190 -9.19 -14.51 6.99
C LEU A 190 -9.71 -14.37 8.44
N TRP A 191 -10.88 -13.75 8.66
CA TRP A 191 -11.36 -13.65 10.04
C TRP A 191 -11.36 -15.03 10.73
N SER A 192 -11.85 -16.05 10.04
CA SER A 192 -12.00 -17.35 10.71
C SER A 192 -10.65 -17.99 11.03
N HIS A 193 -9.61 -17.56 10.32
CA HIS A 193 -8.29 -18.07 10.52
C HIS A 193 -7.50 -17.25 11.56
N THR A 194 -7.52 -15.94 11.36
CA THR A 194 -6.69 -15.01 12.17
C THR A 194 -7.38 -14.68 13.48
N HIS A 195 -8.71 -14.57 13.44
CA HIS A 195 -9.47 -14.08 14.64
C HIS A 195 -10.59 -15.07 15.02
N PRO A 196 -10.22 -16.34 15.23
CA PRO A 196 -11.26 -17.35 15.48
C PRO A 196 -12.07 -17.08 16.77
N ARG A 197 -11.52 -16.33 17.71
CA ARG A 197 -12.26 -16.04 18.97
C ARG A 197 -13.28 -14.90 18.72
N ILE A 198 -13.14 -14.18 17.61
CA ILE A 198 -14.06 -13.08 17.33
C ILE A 198 -15.14 -13.52 16.32
N HIS A 199 -14.70 -14.09 15.21
CA HIS A 199 -15.62 -14.50 14.13
C HIS A 199 -15.14 -15.83 13.55
N GLY A 200 -15.48 -16.91 14.25
CA GLY A 200 -14.90 -18.21 13.90
C GLY A 200 -15.47 -18.87 12.66
N GLU A 201 -16.66 -18.43 12.22
CA GLU A 201 -17.25 -18.94 10.95
C GLU A 201 -16.61 -18.23 9.75
N LYS A 202 -16.46 -18.94 8.64
CA LYS A 202 -15.99 -18.27 7.40
C LYS A 202 -16.98 -17.18 6.99
N VAL A 203 -16.48 -15.99 6.71
CA VAL A 203 -17.39 -14.89 6.34
C VAL A 203 -18.12 -15.21 5.01
N GLY A 204 -19.39 -14.83 4.95
CA GLY A 204 -20.15 -15.04 3.71
C GLY A 204 -19.95 -13.81 2.80
N ALA A 205 -20.17 -13.99 1.51
CA ALA A 205 -20.10 -12.87 0.53
C ALA A 205 -21.21 -11.85 0.81
N LYS A 206 -22.45 -12.31 0.99
CA LYS A 206 -23.53 -11.38 1.27
CA LYS A 206 -23.56 -11.42 1.30
C LYS A 206 -23.36 -10.81 2.68
N GLU A 207 -22.93 -11.64 3.62
CA GLU A 207 -22.64 -11.14 4.98
C GLU A 207 -21.68 -9.95 4.90
N LEU A 208 -20.61 -10.12 4.12
CA LEU A 208 -19.57 -9.06 4.07
C LEU A 208 -20.19 -7.80 3.53
N VAL A 209 -20.93 -7.91 2.43
CA VAL A 209 -21.56 -6.69 1.88
C VAL A 209 -22.48 -6.02 2.94
N ASP A 210 -23.35 -6.81 3.59
CA ASP A 210 -24.28 -6.23 4.53
C ASP A 210 -23.57 -5.52 5.71
N ARG A 211 -22.51 -6.14 6.22
CA ARG A 211 -21.75 -5.53 7.32
C ARG A 211 -21.13 -4.22 6.83
N SER A 212 -20.67 -4.22 5.59
CA SER A 212 -19.93 -3.10 5.02
C SER A 212 -20.86 -1.95 4.80
N VAL A 213 -22.04 -2.23 4.27
CA VAL A 213 -23.07 -1.18 4.07
C VAL A 213 -23.47 -0.57 5.37
N SER A 214 -23.75 -1.40 6.38
CA SER A 214 -24.17 -0.88 7.67
C SER A 214 -23.07 0.04 8.29
N LEU A 215 -21.82 -0.41 8.24
CA LEU A 215 -20.74 0.38 8.88
C LEU A 215 -20.50 1.67 8.03
N SER A 216 -20.44 1.51 6.72
CA SER A 216 -20.19 2.71 5.88
C SER A 216 -21.24 3.78 6.09
N LYS A 217 -22.51 3.38 6.13
CA LYS A 217 -23.58 4.35 6.34
C LYS A 217 -23.40 5.08 7.66
N ALA A 218 -23.03 4.35 8.71
CA ALA A 218 -22.86 4.99 10.02
C ALA A 218 -21.70 6.01 10.02
N VAL A 219 -20.64 5.71 9.27
CA VAL A 219 -19.45 6.58 9.17
C VAL A 219 -19.84 7.82 8.36
N LYS A 220 -20.46 7.59 7.22
CA LYS A 220 -20.80 8.67 6.30
C LYS A 220 -21.80 9.65 6.96
N ALA A 221 -22.61 9.17 7.90
CA ALA A 221 -23.54 10.00 8.60
C ALA A 221 -22.83 10.99 9.51
N ILE A 222 -21.64 10.65 9.97
CA ILE A 222 -20.84 11.57 10.75
C ILE A 222 -19.97 12.44 9.85
N ASP A 223 -19.38 11.85 8.81
CA ASP A 223 -18.41 12.63 8.00
C ASP A 223 -18.57 12.19 6.54
N ALA A 224 -19.34 12.97 5.79
CA ALA A 224 -19.68 12.60 4.40
C ALA A 224 -18.47 12.68 3.52
N GLY A 225 -17.47 13.43 3.92
CA GLY A 225 -16.27 13.59 3.06
C GLY A 225 -15.20 12.52 3.30
N ALA A 226 -15.36 11.69 4.34
CA ALA A 226 -14.34 10.66 4.64
C ALA A 226 -14.36 9.63 3.52
N GLU A 227 -13.20 9.08 3.16
CA GLU A 227 -13.10 8.05 2.14
C GLU A 227 -13.19 6.71 2.82
N VAL A 228 -14.12 5.88 2.37
CA VAL A 228 -14.25 4.50 2.90
C VAL A 228 -13.54 3.49 1.99
N PHE A 229 -12.68 2.67 2.61
CA PHE A 229 -11.86 1.71 1.92
C PHE A 229 -12.37 0.32 2.23
N GLY A 230 -12.50 -0.53 1.20
CA GLY A 230 -12.96 -1.92 1.46
C GLY A 230 -12.70 -2.68 0.18
N PRO A 231 -12.68 -4.03 0.21
CA PRO A 231 -12.91 -4.85 1.39
C PRO A 231 -11.64 -5.26 2.12
N VAL A 232 -10.49 -4.69 1.74
CA VAL A 232 -9.21 -4.94 2.45
C VAL A 232 -8.85 -6.43 2.35
N LEU A 233 -8.93 -6.94 1.12
CA LEU A 233 -8.79 -8.41 0.87
C LEU A 233 -7.33 -8.86 1.03
N TYR A 234 -7.12 -10.03 1.65
CA TYR A 234 -5.76 -10.43 2.01
C TYR A 234 -4.88 -10.79 0.79
N GLY A 235 -5.49 -11.15 -0.33
CA GLY A 235 -4.70 -11.81 -1.37
C GLY A 235 -5.59 -12.49 -2.39
N PHE A 236 -4.97 -13.06 -3.41
CA PHE A 236 -5.72 -13.51 -4.56
C PHE A 236 -6.87 -14.49 -4.25
N GLY A 237 -6.68 -15.43 -3.34
CA GLY A 237 -7.78 -16.34 -2.96
C GLY A 237 -9.05 -15.63 -2.54
N ALA A 238 -8.89 -14.49 -1.85
CA ALA A 238 -10.03 -13.66 -1.51
C ALA A 238 -10.57 -12.86 -2.69
N TYR A 239 -9.68 -12.35 -3.55
CA TYR A 239 -10.14 -11.65 -4.75
C TYR A 239 -11.03 -12.63 -5.58
N LYS A 240 -10.65 -13.91 -5.60
CA LYS A 240 -11.33 -14.83 -6.50
CA LYS A 240 -11.30 -14.88 -6.47
C LYS A 240 -12.73 -15.22 -6.01
N ASP A 241 -12.85 -15.66 -4.76
CA ASP A 241 -14.14 -16.13 -4.25
C ASP A 241 -14.27 -15.93 -2.74
N LEU A 242 -13.59 -14.90 -2.23
CA LEU A 242 -13.61 -14.64 -0.78
C LEU A 242 -13.21 -15.88 0.07
N GLN A 243 -12.16 -16.56 -0.39
CA GLN A 243 -11.53 -17.70 0.28
C GLN A 243 -12.59 -18.80 0.46
N THR A 244 -13.21 -19.16 -0.68
CA THR A 244 -14.23 -20.22 -0.66
C THR A 244 -15.42 -19.87 0.27
N ALA A 245 -15.96 -18.65 0.16
CA ALA A 245 -17.08 -18.25 1.03
C ALA A 245 -18.22 -19.24 0.80
N PRO A 246 -18.90 -19.63 1.88
CA PRO A 246 -19.91 -20.70 1.77
C PRO A 246 -21.09 -20.39 0.83
N ASP A 247 -21.39 -19.10 0.63
CA ASP A 247 -22.48 -18.70 -0.25
C ASP A 247 -22.00 -18.28 -1.64
N TRP A 248 -20.72 -18.44 -1.96
CA TRP A 248 -20.20 -17.93 -3.26
C TRP A 248 -20.98 -18.50 -4.47
N ASP A 249 -21.13 -19.83 -4.56
CA ASP A 249 -21.84 -20.39 -5.74
C ASP A 249 -23.24 -19.83 -5.87
N SER A 250 -23.89 -19.58 -4.75
CA SER A 250 -25.26 -19.09 -4.77
C SER A 250 -25.39 -17.62 -5.20
N VAL A 251 -24.35 -16.82 -4.97
CA VAL A 251 -24.42 -15.37 -5.33
C VAL A 251 -23.56 -15.00 -6.55
N LYS A 252 -22.69 -15.90 -7.01
CA LYS A 252 -21.75 -15.50 -8.06
C LYS A 252 -22.37 -15.11 -9.41
N GLY A 253 -23.59 -15.60 -9.71
CA GLY A 253 -24.23 -15.23 -11.00
C GLY A 253 -23.23 -15.32 -12.15
N ASN A 254 -23.08 -14.24 -12.91
CA ASN A 254 -22.19 -14.20 -14.04
C ASN A 254 -20.92 -13.41 -13.74
N TYR A 255 -20.65 -13.14 -12.45
CA TYR A 255 -19.42 -12.44 -12.09
C TYR A 255 -18.20 -13.33 -12.24
N SER A 256 -17.10 -12.73 -12.73
CA SER A 256 -15.84 -13.42 -12.95
C SER A 256 -15.10 -13.77 -11.67
N TRP A 257 -15.32 -12.98 -10.64
CA TRP A 257 -14.65 -13.18 -9.36
C TRP A 257 -15.34 -12.32 -8.35
N PHE A 258 -14.99 -12.57 -7.08
CA PHE A 258 -15.59 -11.83 -5.97
C PHE A 258 -15.42 -10.30 -6.06
N VAL A 259 -14.27 -9.87 -6.57
CA VAL A 259 -14.00 -8.42 -6.76
C VAL A 259 -15.19 -7.78 -7.44
N ASP A 260 -15.72 -8.42 -8.49
CA ASP A 260 -16.85 -7.79 -9.26
C ASP A 260 -18.16 -7.80 -8.48
N TYR A 261 -18.44 -8.89 -7.79
CA TYR A 261 -19.65 -8.99 -6.98
C TYR A 261 -19.65 -7.91 -5.94
N TYR A 262 -18.51 -7.74 -5.26
CA TYR A 262 -18.45 -6.71 -4.23
C TYR A 262 -18.65 -5.31 -4.81
N LEU A 263 -17.94 -4.98 -5.90
CA LEU A 263 -18.08 -3.66 -6.51
C LEU A 263 -19.54 -3.37 -6.89
N ASP A 264 -20.18 -4.35 -7.51
CA ASP A 264 -21.52 -4.13 -8.02
C ASP A 264 -22.49 -4.02 -6.85
N GLN A 265 -22.31 -4.88 -5.83
CA GLN A 265 -23.19 -4.79 -4.65
C GLN A 265 -23.03 -3.46 -3.88
N MET A 266 -21.81 -2.94 -3.78
CA MET A 266 -21.61 -1.69 -3.06
C MET A 266 -22.17 -0.54 -3.91
N ARG A 267 -22.07 -0.67 -5.23
CA ARG A 267 -22.71 0.33 -6.12
C ARG A 267 -24.24 0.31 -5.97
N LEU A 268 -24.82 -0.89 -5.97
CA LEU A 268 -26.28 -1.04 -5.78
CA LEU A 268 -26.25 -1.05 -5.80
C LEU A 268 -26.72 -0.51 -4.44
N SER A 269 -26.03 -0.90 -3.35
CA SER A 269 -26.38 -0.36 -2.01
C SER A 269 -26.26 1.17 -1.95
N SER A 270 -25.26 1.75 -2.63
CA SER A 270 -25.05 3.20 -2.67
C SER A 270 -26.21 3.92 -3.38
N GLN A 271 -26.72 3.25 -4.40
CA GLN A 271 -27.93 3.70 -5.10
C GLN A 271 -29.12 3.84 -4.21
N VAL A 272 -29.36 2.79 -3.44
CA VAL A 272 -30.52 2.67 -2.60
C VAL A 272 -30.42 3.73 -1.52
N GLU A 273 -29.20 3.89 -0.98
CA GLU A 273 -28.96 4.83 0.10
CA GLU A 273 -28.95 4.82 0.10
C GLU A 273 -28.88 6.29 -0.35
N GLY A 274 -28.57 6.52 -1.62
CA GLY A 274 -28.42 7.86 -2.18
C GLY A 274 -27.08 8.50 -1.81
N LYS A 275 -26.07 7.69 -1.48
CA LYS A 275 -24.74 8.23 -1.17
C LYS A 275 -23.68 7.19 -1.48
N ARG A 276 -22.52 7.62 -1.98
CA ARG A 276 -21.43 6.69 -2.26
C ARG A 276 -20.94 6.01 -0.95
N LEU A 277 -21.00 4.68 -0.88
CA LEU A 277 -20.61 3.96 0.36
C LEU A 277 -19.23 3.33 0.26
N LEU A 278 -18.63 3.33 -0.94
CA LEU A 278 -17.27 2.80 -1.14
C LEU A 278 -16.51 3.80 -1.98
N ASP A 279 -15.37 4.30 -1.46
CA ASP A 279 -14.58 5.27 -2.19
C ASP A 279 -13.35 4.66 -2.81
N VAL A 280 -12.76 3.64 -2.16
CA VAL A 280 -11.49 3.08 -2.59
C VAL A 280 -11.54 1.57 -2.42
N PHE A 281 -11.29 0.84 -3.49
CA PHE A 281 -11.28 -0.61 -3.48
C PHE A 281 -9.87 -0.99 -3.03
N ASP A 282 -9.79 -1.78 -1.95
CA ASP A 282 -8.60 -1.87 -1.09
C ASP A 282 -8.21 -3.35 -1.08
N VAL A 283 -7.01 -3.65 -1.56
CA VAL A 283 -6.47 -5.02 -1.51
C VAL A 283 -5.08 -5.04 -0.84
N HIS A 284 -4.71 -6.24 -0.36
CA HIS A 284 -3.32 -6.55 0.03
C HIS A 284 -2.74 -7.48 -1.02
N TRP A 285 -1.44 -7.30 -1.29
CA TRP A 285 -0.76 -8.06 -2.36
C TRP A 285 0.62 -8.45 -1.85
N TYR A 286 0.76 -9.69 -1.39
CA TYR A 286 2.07 -10.22 -1.01
C TYR A 286 2.37 -11.24 -2.10
N PRO A 287 3.37 -10.95 -2.93
CA PRO A 287 3.69 -11.82 -4.07
C PRO A 287 3.80 -13.29 -3.66
N GLU A 288 3.21 -14.16 -4.46
CA GLU A 288 3.45 -15.64 -4.38
C GLU A 288 4.59 -16.10 -5.26
N ALA A 289 5.19 -15.16 -6.00
CA ALA A 289 6.34 -15.43 -6.88
C ALA A 289 7.44 -16.17 -6.15
N MET A 290 7.92 -17.24 -6.79
CA MET A 290 8.95 -18.14 -6.24
CA MET A 290 8.98 -18.06 -6.21
C MET A 290 10.23 -18.04 -7.05
N GLY A 291 11.37 -18.28 -6.40
CA GLY A 291 12.64 -18.39 -7.10
C GLY A 291 13.52 -19.28 -6.23
N GLY A 292 14.22 -20.25 -6.84
CA GLY A 292 15.10 -21.12 -6.06
C GLY A 292 14.38 -21.87 -4.97
N GLY A 293 13.11 -22.17 -5.21
CA GLY A 293 12.27 -22.91 -4.29
C GLY A 293 11.70 -22.14 -3.09
N ILE A 294 11.83 -20.81 -3.12
CA ILE A 294 11.49 -19.98 -1.97
C ILE A 294 10.53 -18.91 -2.42
N ARG A 295 9.49 -18.66 -1.63
CA ARG A 295 8.57 -17.53 -1.95
C ARG A 295 9.26 -16.22 -1.60
N ILE A 296 9.22 -15.21 -2.47
CA ILE A 296 10.12 -14.04 -2.25
C ILE A 296 9.82 -13.29 -0.94
N THR A 297 8.58 -13.43 -0.46
CA THR A 297 8.22 -12.69 0.79
C THR A 297 8.74 -13.40 2.07
N ASN A 298 9.23 -14.64 1.94
CA ASN A 298 9.52 -15.47 3.13
C ASN A 298 10.93 -15.26 3.68
N GLU A 299 11.91 -15.19 2.80
CA GLU A 299 13.30 -14.96 3.21
C GLU A 299 14.05 -14.46 1.98
N VAL A 300 15.24 -13.91 2.20
CA VAL A 300 16.02 -13.37 1.06
C VAL A 300 16.30 -14.46 0.00
N GLY A 301 16.64 -15.66 0.46
CA GLY A 301 16.82 -16.77 -0.50
C GLY A 301 18.16 -16.78 -1.22
N ASN A 302 18.24 -17.53 -2.31
CA ASN A 302 19.50 -17.73 -3.01
C ASN A 302 19.49 -16.83 -4.23
N ASP A 303 20.44 -17.03 -5.14
CA ASP A 303 20.50 -16.15 -6.32
C ASP A 303 19.21 -16.21 -7.17
N GLU A 304 18.65 -17.42 -7.34
CA GLU A 304 17.39 -17.55 -8.06
C GLU A 304 16.22 -16.88 -7.34
N THR A 305 16.23 -16.89 -6.01
CA THR A 305 15.18 -16.15 -5.25
C THR A 305 15.34 -14.63 -5.49
N LYS A 306 16.58 -14.16 -5.45
CA LYS A 306 16.90 -12.75 -5.61
C LYS A 306 16.53 -12.30 -7.04
N LYS A 307 16.85 -13.13 -8.05
CA LYS A 307 16.42 -12.79 -9.41
C LYS A 307 14.91 -12.74 -9.58
N ALA A 308 14.19 -13.71 -9.03
CA ALA A 308 12.72 -13.76 -9.10
C ALA A 308 12.14 -12.54 -8.38
N ARG A 309 12.78 -12.11 -7.30
CA ARG A 309 12.26 -10.94 -6.53
C ARG A 309 12.31 -9.66 -7.40
N MET A 310 13.41 -9.49 -8.16
CA MET A 310 13.53 -8.32 -9.00
C MET A 310 12.62 -8.34 -10.22
N GLN A 311 12.28 -9.54 -10.71
CA GLN A 311 11.32 -9.67 -11.80
C GLN A 311 9.87 -9.62 -11.38
N ALA A 312 9.57 -10.02 -10.15
CA ALA A 312 8.19 -10.08 -9.69
C ALA A 312 7.33 -8.80 -9.87
N PRO A 313 7.91 -7.60 -9.80
CA PRO A 313 7.06 -6.44 -10.06
C PRO A 313 6.40 -6.46 -11.43
N ARG A 314 6.96 -7.20 -12.39
CA ARG A 314 6.31 -7.31 -13.72
C ARG A 314 4.93 -7.95 -13.70
N THR A 315 4.63 -8.75 -12.68
CA THR A 315 3.27 -9.31 -12.52
C THR A 315 2.26 -8.20 -12.31
N LEU A 316 2.67 -7.04 -11.78
CA LEU A 316 1.73 -5.94 -11.64
C LEU A 316 1.23 -5.36 -12.97
N TRP A 317 2.08 -5.36 -14.02
CA TRP A 317 1.76 -4.59 -15.24
C TRP A 317 1.96 -5.29 -16.59
N ASP A 318 2.86 -6.27 -16.64
CA ASP A 318 3.43 -6.77 -17.91
C ASP A 318 2.63 -7.99 -18.42
N PRO A 319 1.86 -7.81 -19.53
CA PRO A 319 1.15 -8.94 -20.13
C PRO A 319 2.07 -10.10 -20.56
N THR A 320 3.37 -9.83 -20.73
CA THR A 320 4.26 -10.86 -21.24
C THR A 320 4.91 -11.71 -20.15
N TYR A 321 4.79 -11.27 -18.90
CA TYR A 321 5.53 -11.90 -17.82
C TYR A 321 4.70 -12.99 -17.11
N LYS A 322 5.27 -14.18 -16.95
CA LYS A 322 4.63 -15.26 -16.22
CA LYS A 322 4.62 -15.21 -16.18
C LYS A 322 5.50 -15.68 -15.05
N GLU A 323 5.13 -15.28 -13.82
CA GLU A 323 5.97 -15.65 -12.68
C GLU A 323 5.77 -17.14 -12.32
N ASP A 324 6.62 -17.62 -11.40
CA ASP A 324 6.45 -18.99 -10.91
C ASP A 324 5.63 -18.88 -9.63
N SER A 325 4.31 -19.10 -9.75
CA SER A 325 3.42 -19.12 -8.59
C SER A 325 2.12 -19.83 -8.93
N TRP A 326 1.36 -20.22 -7.90
CA TRP A 326 0.08 -20.89 -8.17
C TRP A 326 -0.89 -19.94 -8.82
N ILE A 327 -0.75 -18.62 -8.55
CA ILE A 327 -1.62 -17.64 -9.20
C ILE A 327 -1.40 -17.63 -10.72
N ALA A 328 -0.13 -17.55 -11.14
CA ALA A 328 0.18 -17.57 -12.58
C ALA A 328 -0.12 -18.96 -13.19
N GLN A 329 0.08 -20.03 -12.43
CA GLN A 329 -0.15 -21.38 -12.96
C GLN A 329 -1.64 -21.64 -13.23
N TRP A 330 -2.49 -21.23 -12.30
CA TRP A 330 -3.89 -21.59 -12.38
C TRP A 330 -4.86 -20.43 -12.66
N ASN A 331 -4.36 -19.20 -12.64
CA ASN A 331 -5.23 -18.03 -12.72
C ASN A 331 -4.62 -16.93 -13.60
N SER A 332 -3.90 -17.32 -14.66
CA SER A 332 -3.15 -16.31 -15.43
C SER A 332 -4.07 -15.35 -16.12
N GLU A 333 -5.35 -15.69 -16.28
CA GLU A 333 -6.22 -14.75 -16.99
C GLU A 333 -6.49 -13.48 -16.14
N PHE A 334 -6.13 -13.54 -14.87
CA PHE A 334 -6.31 -12.36 -13.97
C PHE A 334 -5.01 -11.58 -13.81
N LEU A 335 -3.98 -11.95 -14.59
CA LEU A 335 -2.71 -11.22 -14.55
C LEU A 335 -2.45 -10.57 -15.92
N PRO A 336 -1.79 -9.39 -15.94
CA PRO A 336 -1.19 -8.64 -14.84
C PRO A 336 -2.25 -8.04 -13.94
N ILE A 337 -1.91 -7.91 -12.65
CA ILE A 337 -2.97 -7.70 -11.68
C ILE A 337 -3.50 -6.27 -11.62
N LEU A 338 -2.64 -5.25 -11.85
CA LEU A 338 -3.14 -3.88 -11.71
C LEU A 338 -4.12 -3.51 -12.84
N PRO A 339 -3.80 -3.87 -14.09
CA PRO A 339 -4.82 -3.54 -15.10
C PRO A 339 -6.10 -4.35 -14.91
N ARG A 340 -5.99 -5.59 -14.41
CA ARG A 340 -7.20 -6.39 -14.21
C ARG A 340 -8.10 -5.81 -13.11
N LEU A 341 -7.47 -5.38 -12.00
CA LEU A 341 -8.22 -4.72 -10.93
C LEU A 341 -8.84 -3.44 -11.42
N LYS A 342 -8.07 -2.66 -12.16
CA LYS A 342 -8.59 -1.38 -12.61
C LYS A 342 -9.79 -1.58 -13.57
N GLN A 343 -9.70 -2.58 -14.44
CA GLN A 343 -10.76 -2.94 -15.36
C GLN A 343 -12.06 -3.23 -14.60
N SER A 344 -11.95 -4.06 -13.58
CA SER A 344 -13.11 -4.36 -12.74
C SER A 344 -13.71 -3.13 -12.05
N VAL A 345 -12.86 -2.33 -11.43
CA VAL A 345 -13.32 -1.21 -10.64
C VAL A 345 -14.02 -0.23 -11.59
N ASP A 346 -13.40 0.01 -12.75
CA ASP A 346 -13.93 1.02 -13.65
C ASP A 346 -15.28 0.57 -14.20
N LYS A 347 -15.45 -0.73 -14.46
CA LYS A 347 -16.71 -1.29 -14.96
C LYS A 347 -17.83 -1.42 -13.91
N TYR A 348 -17.51 -2.04 -12.77
CA TYR A 348 -18.57 -2.38 -11.79
C TYR A 348 -18.90 -1.34 -10.73
N TYR A 349 -17.99 -0.36 -10.50
CA TYR A 349 -18.33 0.80 -9.66
C TYR A 349 -17.52 1.98 -10.15
N PRO A 350 -17.93 2.56 -11.28
CA PRO A 350 -17.16 3.63 -11.89
C PRO A 350 -16.80 4.74 -10.92
N GLY A 351 -15.52 5.18 -10.97
CA GLY A 351 -15.11 6.33 -10.16
C GLY A 351 -14.46 5.90 -8.84
N THR A 352 -14.60 4.61 -8.48
CA THR A 352 -13.95 4.10 -7.26
C THR A 352 -12.45 4.05 -7.51
N LYS A 353 -11.66 4.41 -6.49
CA LYS A 353 -10.21 4.37 -6.68
CA LYS A 353 -10.20 4.43 -6.57
C LYS A 353 -9.66 3.02 -6.22
N LEU A 354 -8.36 2.82 -6.38
CA LEU A 354 -7.73 1.52 -6.07
C LEU A 354 -6.56 1.74 -5.10
N ALA A 355 -6.43 0.90 -4.06
CA ALA A 355 -5.33 1.06 -3.11
C ALA A 355 -4.78 -0.31 -2.81
N MET A 356 -3.46 -0.38 -2.64
CA MET A 356 -2.79 -1.60 -2.20
C MET A 356 -2.24 -1.37 -0.79
N THR A 357 -3.04 -1.66 0.25
CA THR A 357 -2.75 -1.12 1.59
C THR A 357 -1.83 -1.98 2.41
N GLU A 358 -1.45 -3.15 1.89
CA GLU A 358 -0.26 -3.86 2.39
C GLU A 358 0.38 -4.53 1.22
N TYR A 359 1.70 -4.52 1.18
CA TYR A 359 2.49 -5.31 0.24
C TYR A 359 3.94 -5.36 0.70
N SER A 360 4.68 -6.35 0.20
CA SER A 360 6.12 -6.39 0.44
C SER A 360 6.67 -7.36 -0.57
N TYR A 361 7.87 -7.07 -1.07
CA TYR A 361 8.60 -7.97 -2.00
C TYR A 361 9.71 -8.75 -1.28
N GLY A 362 9.81 -8.62 0.07
CA GLY A 362 10.83 -9.33 0.81
C GLY A 362 12.23 -8.78 0.51
N GLY A 363 13.25 -9.52 0.91
CA GLY A 363 14.67 -9.07 0.77
C GLY A 363 14.88 -7.67 1.33
N GLU A 364 14.36 -7.44 2.54
CA GLU A 364 14.32 -6.12 3.15
C GLU A 364 15.68 -5.48 3.37
N ASN A 365 16.68 -6.34 3.62
CA ASN A 365 18.04 -5.89 3.85
C ASN A 365 18.98 -6.42 2.76
N ASP A 366 18.38 -6.66 1.59
CA ASP A 366 19.18 -7.08 0.43
C ASP A 366 18.96 -6.15 -0.75
N ILE A 367 20.01 -5.98 -1.59
CA ILE A 367 19.88 -5.15 -2.78
C ILE A 367 18.69 -5.59 -3.68
N SER A 368 18.41 -6.90 -3.75
CA SER A 368 17.25 -7.38 -4.55
C SER A 368 15.96 -6.71 -4.07
N GLY A 369 15.83 -6.51 -2.75
CA GLY A 369 14.58 -5.98 -2.20
C GLY A 369 14.52 -4.49 -2.49
N GLY A 370 15.68 -3.85 -2.50
CA GLY A 370 15.74 -2.42 -2.85
C GLY A 370 15.38 -2.18 -4.31
N ILE A 371 15.97 -2.99 -5.19
CA ILE A 371 15.70 -2.86 -6.65
C ILE A 371 14.23 -3.22 -6.95
N ALA A 372 13.69 -4.30 -6.36
CA ALA A 372 12.26 -4.61 -6.56
C ALA A 372 11.38 -3.39 -6.20
N MET A 373 11.67 -2.76 -5.04
CA MET A 373 10.86 -1.64 -4.58
C MET A 373 11.02 -0.39 -5.43
N THR A 374 12.22 -0.15 -5.97
CA THR A 374 12.42 0.99 -6.83
CA THR A 374 12.37 1.02 -6.85
C THR A 374 11.55 0.81 -8.08
N ASP A 375 11.39 -0.43 -8.51
CA ASP A 375 10.56 -0.66 -9.70
C ASP A 375 9.10 -0.51 -9.28
N VAL A 376 8.73 -1.18 -8.22
CA VAL A 376 7.31 -1.13 -7.77
C VAL A 376 6.82 0.31 -7.56
N LEU A 377 7.57 1.17 -6.90
CA LEU A 377 7.06 2.57 -6.69
C LEU A 377 6.81 3.30 -8.02
N GLY A 378 7.65 3.05 -9.01
CA GLY A 378 7.44 3.69 -10.35
C GLY A 378 6.18 3.11 -11.01
N ILE A 379 6.07 1.78 -10.92
CA ILE A 379 4.92 1.07 -11.49
C ILE A 379 3.60 1.53 -10.88
N LEU A 380 3.53 1.55 -9.53
CA LEU A 380 2.29 1.98 -8.88
C LEU A 380 1.93 3.38 -9.33
N GLY A 381 2.94 4.25 -9.42
CA GLY A 381 2.65 5.66 -9.69
C GLY A 381 1.97 5.86 -11.04
N LYS A 382 2.39 5.07 -12.05
CA LYS A 382 1.91 5.25 -13.43
C LYS A 382 0.85 4.23 -13.89
N ASN A 383 0.31 3.50 -12.93
CA ASN A 383 -0.79 2.57 -13.17
C ASN A 383 -2.07 2.95 -12.43
N ASP A 384 -2.22 4.22 -12.13
CA ASP A 384 -3.48 4.72 -11.55
C ASP A 384 -3.79 4.14 -10.18
N VAL A 385 -2.76 3.88 -9.38
CA VAL A 385 -2.99 3.43 -8.02
C VAL A 385 -3.07 4.69 -7.15
N TYR A 386 -4.12 4.78 -6.33
CA TYR A 386 -4.34 5.97 -5.50
C TYR A 386 -3.44 5.96 -4.26
N MET A 387 -3.29 4.79 -3.64
CA MET A 387 -2.56 4.73 -2.37
C MET A 387 -1.92 3.36 -2.25
N ALA A 388 -0.75 3.30 -1.63
CA ALA A 388 -0.12 1.99 -1.45
C ALA A 388 0.71 2.08 -0.20
N ASN A 389 0.67 1.02 0.60
CA ASN A 389 1.36 1.04 1.90
C ASN A 389 2.18 -0.22 2.13
N TYR A 390 3.50 -0.06 2.21
CA TYR A 390 4.37 -1.15 2.54
C TYR A 390 4.04 -1.74 3.93
N TRP A 391 4.21 -3.05 4.06
CA TRP A 391 4.09 -3.70 5.42
C TRP A 391 5.43 -4.40 5.73
N LYS A 392 6.00 -4.10 6.87
CA LYS A 392 7.27 -4.73 7.27
C LYS A 392 7.08 -6.20 7.66
N LEU A 393 7.52 -7.13 6.81
CA LEU A 393 7.48 -8.58 7.15
C LEU A 393 8.67 -8.98 8.04
N LYS A 394 9.69 -8.14 8.11
CA LYS A 394 10.89 -8.36 8.91
CA LYS A 394 10.84 -8.38 8.97
C LYS A 394 10.97 -7.19 9.90
N ASP A 395 11.11 -7.49 11.20
CA ASP A 395 11.21 -6.42 12.18
C ASP A 395 12.59 -5.74 12.19
N GLY A 396 12.69 -4.60 12.85
CA GLY A 396 13.96 -3.87 12.91
C GLY A 396 14.19 -3.11 11.61
N VAL A 397 15.45 -2.75 11.32
CA VAL A 397 15.65 -1.94 10.09
C VAL A 397 15.29 -2.75 8.81
N ASN A 398 14.81 -2.05 7.79
CA ASN A 398 14.57 -2.66 6.43
C ASN A 398 15.36 -1.74 5.49
N ASN A 399 16.68 -1.93 5.51
CA ASN A 399 17.55 -0.90 4.94
C ASN A 399 17.34 -0.64 3.46
N TYR A 400 17.16 -1.70 2.70
CA TYR A 400 17.02 -1.54 1.23
C TYR A 400 15.61 -1.12 0.80
N VAL A 401 14.61 -1.43 1.61
CA VAL A 401 13.25 -0.86 1.34
C VAL A 401 13.27 0.65 1.59
N SER A 402 13.86 1.06 2.71
CA SER A 402 14.00 2.49 3.00
CA SER A 402 13.99 2.49 3.02
C SER A 402 14.77 3.20 1.89
N ALA A 403 15.82 2.55 1.37
CA ALA A 403 16.62 3.16 0.29
C ALA A 403 15.73 3.43 -0.90
N ALA A 404 14.84 2.48 -1.22
CA ALA A 404 13.95 2.66 -2.40
C ALA A 404 13.06 3.90 -2.22
N TYR A 405 12.43 4.04 -1.04
CA TYR A 405 11.63 5.20 -0.78
C TYR A 405 12.47 6.48 -0.86
N LYS A 406 13.64 6.45 -0.23
CA LYS A 406 14.49 7.66 -0.27
C LYS A 406 14.91 8.03 -1.65
N LEU A 407 15.14 7.02 -2.50
CA LEU A 407 15.55 7.37 -3.84
C LEU A 407 14.46 8.20 -4.56
N TYR A 408 13.19 7.87 -4.29
CA TYR A 408 12.07 8.66 -4.85
C TYR A 408 11.70 9.92 -4.08
N ARG A 409 11.89 9.94 -2.76
CA ARG A 409 11.29 10.97 -1.96
C ARG A 409 12.25 11.79 -1.10
N ASN A 410 13.53 11.38 -1.02
CA ASN A 410 14.51 12.18 -0.27
C ASN A 410 15.88 11.78 -0.76
N TYR A 411 16.13 12.05 -2.05
CA TYR A 411 17.30 11.48 -2.68
C TYR A 411 18.56 12.26 -2.31
N ASP A 412 18.37 13.48 -1.79
CA ASP A 412 19.49 14.41 -1.53
C ASP A 412 19.64 14.78 -0.06
N GLY A 413 18.82 14.18 0.81
CA GLY A 413 18.86 14.57 2.19
C GLY A 413 18.06 15.82 2.48
N LYS A 414 17.45 16.42 1.45
CA LYS A 414 16.70 17.67 1.60
C LYS A 414 15.22 17.48 1.25
N ASN A 415 14.79 16.21 1.21
CA ASN A 415 13.42 15.87 0.81
C ASN A 415 13.06 16.29 -0.63
N SER A 416 14.05 16.35 -1.52
CA SER A 416 13.74 16.49 -2.94
C SER A 416 13.16 15.18 -3.44
N THR A 417 12.21 15.29 -4.37
CA THR A 417 11.43 14.13 -4.78
C THR A 417 11.33 13.95 -6.29
N PHE A 418 10.94 12.74 -6.66
CA PHE A 418 10.45 12.41 -8.00
C PHE A 418 9.29 13.42 -8.33
N GLY A 419 9.03 13.64 -9.63
CA GLY A 419 8.00 14.62 -10.01
C GLY A 419 6.60 14.11 -9.78
N ASP A 420 5.61 14.98 -9.91
CA ASP A 420 4.22 14.57 -9.65
C ASP A 420 3.50 14.09 -10.89
N THR A 421 4.17 14.19 -12.04
CA THR A 421 3.55 13.82 -13.31
C THR A 421 4.36 12.76 -14.00
N SER A 422 3.80 11.55 -14.14
CA SER A 422 4.48 10.48 -14.90
C SER A 422 4.57 10.86 -16.37
N VAL A 423 5.70 10.56 -17.01
CA VAL A 423 5.76 10.66 -18.48
C VAL A 423 6.31 9.39 -19.06
N SER A 424 6.13 9.21 -20.37
CA SER A 424 6.60 7.99 -21.04
C SER A 424 8.12 7.76 -20.92
N ALA A 425 8.47 6.54 -20.45
CA ALA A 425 9.83 6.10 -20.42
C ALA A 425 9.83 4.65 -20.86
N GLN A 426 10.55 4.39 -21.96
CA GLN A 426 10.56 3.04 -22.51
C GLN A 426 12.01 2.53 -22.48
N THR A 427 12.15 1.23 -22.30
CA THR A 427 13.50 0.63 -22.38
C THR A 427 13.50 -0.52 -23.36
N SER A 428 14.65 -0.71 -24.02
CA SER A 428 14.79 -1.82 -24.98
C SER A 428 15.00 -3.19 -24.31
N ASP A 429 15.17 -3.23 -22.98
CA ASP A 429 15.43 -4.51 -22.30
C ASP A 429 14.64 -4.52 -21.00
N ILE A 430 13.46 -5.09 -21.04
CA ILE A 430 12.60 -5.04 -19.84
C ILE A 430 13.01 -6.08 -18.77
N VAL A 431 13.97 -6.96 -19.08
CA VAL A 431 14.37 -8.01 -18.13
C VAL A 431 15.48 -7.47 -17.26
N ASN A 432 16.50 -6.90 -17.88
CA ASN A 432 17.63 -6.41 -17.13
C ASN A 432 17.49 -4.98 -16.64
N SER A 433 16.50 -4.25 -17.14
CA SER A 433 16.38 -2.83 -16.75
C SER A 433 14.91 -2.49 -16.49
N SER A 434 14.68 -1.47 -15.68
CA SER A 434 13.37 -0.79 -15.64
C SER A 434 13.69 0.69 -15.55
N VAL A 435 12.75 1.53 -15.93
CA VAL A 435 12.98 2.96 -15.94
C VAL A 435 11.65 3.69 -15.76
N HIS A 436 11.67 4.77 -14.99
CA HIS A 436 10.44 5.58 -14.75
C HIS A 436 10.81 7.01 -14.85
N ALA A 437 9.96 7.83 -15.51
CA ALA A 437 10.31 9.22 -15.68
C ALA A 437 9.19 10.12 -15.14
N SER A 438 9.52 11.34 -14.77
CA SER A 438 8.52 12.28 -14.32
C SER A 438 8.95 13.74 -14.45
N VAL A 439 7.96 14.64 -14.51
CA VAL A 439 8.19 16.08 -14.34
C VAL A 439 7.20 16.60 -13.29
N THR A 440 7.29 17.88 -12.93
CA THR A 440 6.24 18.49 -12.11
C THR A 440 5.64 19.68 -12.85
N ASN A 441 4.31 19.81 -12.79
CA ASN A 441 3.61 21.01 -13.38
C ASN A 441 4.04 21.22 -14.82
N ALA A 442 4.09 20.11 -15.57
CA ALA A 442 4.49 20.11 -16.99
C ALA A 442 5.87 20.76 -17.25
N SER A 443 6.80 20.63 -16.29
CA SER A 443 8.09 21.33 -16.42
C SER A 443 8.79 21.04 -17.72
N ASP A 444 9.37 22.10 -18.30
CA ASP A 444 10.31 21.87 -19.38
C ASP A 444 11.73 22.15 -18.91
N LYS A 445 11.88 22.43 -17.60
CA LYS A 445 13.19 22.81 -17.02
C LYS A 445 13.87 21.69 -16.22
N GLU A 446 13.11 20.74 -15.66
CA GLU A 446 13.74 19.69 -14.81
C GLU A 446 13.08 18.36 -15.12
N LEU A 447 13.88 17.31 -15.31
CA LEU A 447 13.30 16.02 -15.66
C LEU A 447 13.87 15.01 -14.71
N HIS A 448 13.04 14.13 -14.15
CA HIS A 448 13.49 13.08 -13.21
C HIS A 448 13.41 11.71 -13.85
N LEU A 449 14.48 10.93 -13.69
CA LEU A 449 14.52 9.58 -14.26
C LEU A 449 15.00 8.64 -13.17
N VAL A 450 14.27 7.58 -12.90
CA VAL A 450 14.77 6.53 -11.99
C VAL A 450 15.05 5.33 -12.89
N VAL A 451 16.28 4.85 -12.91
CA VAL A 451 16.63 3.71 -13.75
C VAL A 451 17.37 2.66 -12.89
N MET A 452 17.22 1.40 -13.26
CA MET A 452 17.86 0.36 -12.48
C MET A 452 18.32 -0.81 -13.33
N ASN A 453 19.42 -1.45 -12.88
CA ASN A 453 19.96 -2.65 -13.51
C ASN A 453 19.71 -3.84 -12.58
N LYS A 454 18.90 -4.77 -13.05
CA LYS A 454 18.51 -5.96 -12.31
CA LYS A 454 18.51 -5.96 -12.29
C LYS A 454 19.47 -7.12 -12.50
N SER A 455 20.38 -6.97 -13.46
CA SER A 455 21.40 -8.00 -13.67
C SER A 455 22.31 -8.16 -12.44
N MET A 456 22.60 -9.42 -12.07
CA MET A 456 23.54 -9.64 -10.96
C MET A 456 24.99 -9.60 -11.42
N ASP A 457 25.20 -9.73 -12.74
CA ASP A 457 26.52 -9.99 -13.38
C ASP A 457 27.03 -8.87 -14.29
N SER A 458 26.14 -8.13 -14.97
CA SER A 458 26.56 -7.35 -16.14
C SER A 458 26.09 -5.91 -16.06
N ALA A 459 27.03 -4.96 -16.11
CA ALA A 459 26.67 -3.54 -16.28
C ALA A 459 26.04 -3.38 -17.65
N PHE A 460 25.33 -2.27 -17.85
CA PHE A 460 24.94 -1.87 -19.20
C PHE A 460 25.20 -0.37 -19.40
N ASP A 461 25.47 0.03 -20.63
CA ASP A 461 25.53 1.46 -20.95
C ASP A 461 24.12 1.85 -21.41
N ALA A 462 23.50 2.77 -20.66
CA ALA A 462 22.12 3.21 -20.96
C ALA A 462 22.25 4.42 -21.87
N GLN A 463 21.72 4.33 -23.10
CA GLN A 463 21.70 5.43 -24.04
CA GLN A 463 21.71 5.47 -24.00
C GLN A 463 20.33 6.09 -23.94
N PHE A 464 20.28 7.30 -23.39
CA PHE A 464 19.02 8.02 -23.21
C PHE A 464 18.75 8.94 -24.37
N ASP A 465 17.55 8.83 -24.93
CA ASP A 465 17.10 9.79 -25.93
CA ASP A 465 17.08 9.75 -25.96
C ASP A 465 15.90 10.52 -25.34
N LEU A 466 16.05 11.85 -25.16
CA LEU A 466 15.03 12.66 -24.52
C LEU A 466 14.25 13.51 -25.52
N SER A 467 12.92 13.53 -25.37
CA SER A 467 12.05 14.45 -26.12
CA SER A 467 12.07 14.45 -26.12
C SER A 467 11.49 15.47 -25.15
N GLY A 468 11.84 16.73 -25.36
CA GLY A 468 11.36 17.83 -24.51
C GLY A 468 11.30 19.14 -25.27
N ALA A 469 10.74 20.17 -24.65
CA ALA A 469 10.53 21.46 -25.31
C ALA A 469 11.82 22.30 -25.27
N LYS A 470 12.68 22.00 -24.28
CA LYS A 470 13.92 22.73 -24.08
CA LYS A 470 13.93 22.73 -24.13
C LYS A 470 15.12 21.77 -24.16
N THR A 471 16.32 22.31 -24.29
CA THR A 471 17.50 21.46 -24.35
C THR A 471 17.99 21.20 -22.94
N TYR A 472 18.07 19.92 -22.55
CA TYR A 472 18.70 19.60 -21.25
C TYR A 472 20.22 19.70 -21.37
N ILE A 473 20.86 20.35 -20.42
CA ILE A 473 22.30 20.62 -20.57
C ILE A 473 23.18 19.83 -19.59
N SER A 474 22.63 19.46 -18.44
CA SER A 474 23.43 18.71 -17.48
C SER A 474 22.55 17.92 -16.55
N GLY A 475 23.17 17.07 -15.74
CA GLY A 475 22.37 16.23 -14.83
C GLY A 475 23.17 15.89 -13.58
N LYS A 476 22.44 15.64 -12.49
CA LYS A 476 23.07 15.12 -11.29
C LYS A 476 22.50 13.74 -11.07
N VAL A 477 23.24 12.90 -10.36
CA VAL A 477 22.89 11.49 -10.24
C VAL A 477 23.06 11.08 -8.77
N TRP A 478 22.06 10.36 -8.24
CA TRP A 478 22.10 9.80 -6.90
C TRP A 478 21.74 8.33 -6.97
N GLY A 479 22.34 7.50 -6.14
CA GLY A 479 22.09 6.07 -6.28
C GLY A 479 22.33 5.23 -5.03
N PHE A 480 21.83 3.99 -5.07
CA PHE A 480 22.27 2.99 -4.09
C PHE A 480 22.58 1.68 -4.83
N ASP A 481 23.33 0.80 -4.18
CA ASP A 481 23.79 -0.44 -4.84
C ASP A 481 24.10 -1.49 -3.76
N LYS A 482 24.74 -2.60 -4.12
CA LYS A 482 24.95 -3.68 -3.15
CA LYS A 482 24.99 -3.70 -3.18
CA LYS A 482 24.97 -3.69 -3.16
C LYS A 482 26.00 -3.30 -2.09
N ASN A 483 26.76 -2.25 -2.36
CA ASN A 483 27.84 -1.83 -1.43
C ASN A 483 27.35 -0.92 -0.35
N SER A 484 26.30 -0.14 -0.65
CA SER A 484 25.84 0.87 0.28
C SER A 484 24.35 1.13 0.06
N SER A 485 23.57 0.90 1.12
CA SER A 485 22.13 1.22 1.06
CA SER A 485 22.14 1.23 1.11
C SER A 485 21.88 2.73 1.21
N GLN A 486 22.84 3.51 1.74
CA GLN A 486 22.66 4.98 1.76
C GLN A 486 22.63 5.56 0.35
N ILE A 487 21.86 6.63 0.15
CA ILE A 487 21.77 7.22 -1.21
C ILE A 487 23.01 8.11 -1.41
N LYS A 488 23.91 7.74 -2.33
CA LYS A 488 25.15 8.50 -2.48
C LYS A 488 25.11 9.29 -3.79
N GLU A 489 25.63 10.52 -3.77
CA GLU A 489 25.84 11.28 -5.02
CA GLU A 489 25.77 11.24 -5.05
C GLU A 489 26.79 10.54 -5.93
N ALA A 490 26.41 10.38 -7.20
CA ALA A 490 27.27 9.69 -8.19
C ALA A 490 27.87 10.74 -9.15
N ALA A 491 28.79 10.32 -10.04
CA ALA A 491 29.37 11.30 -10.99
C ALA A 491 28.28 12.02 -11.83
N PRO A 492 28.39 13.34 -11.96
CA PRO A 492 27.38 14.11 -12.70
C PRO A 492 27.44 13.85 -14.21
N ILE A 493 26.41 14.28 -14.92
CA ILE A 493 26.34 14.20 -16.36
C ILE A 493 26.65 15.64 -16.81
N THR A 494 27.80 15.84 -17.44
CA THR A 494 28.22 17.22 -17.72
C THR A 494 27.99 17.58 -19.19
N GLN A 495 27.92 16.57 -20.03
CA GLN A 495 27.62 16.86 -21.40
CA GLN A 495 27.79 16.73 -21.47
CA GLN A 495 27.75 16.76 -21.48
C GLN A 495 26.51 16.04 -22.01
N ILE A 496 25.55 16.84 -22.46
CA ILE A 496 24.37 16.34 -23.09
C ILE A 496 24.34 17.07 -24.43
N SER A 497 24.31 16.31 -25.49
CA SER A 497 24.28 16.89 -26.83
C SER A 497 23.01 16.42 -27.55
N GLY A 498 22.22 17.38 -28.02
CA GLY A 498 21.02 17.05 -28.78
C GLY A 498 20.04 16.20 -27.98
N ASN A 499 19.99 16.46 -26.68
CA ASN A 499 19.09 15.75 -25.75
C ASN A 499 19.29 14.22 -25.74
N ARG A 500 20.54 13.80 -25.93
CA ARG A 500 20.91 12.40 -25.75
C ARG A 500 22.16 12.35 -24.88
N PHE A 501 22.24 11.31 -24.03
CA PHE A 501 23.44 11.10 -23.19
C PHE A 501 23.51 9.63 -22.85
N THR A 502 24.68 9.17 -22.40
CA THR A 502 24.88 7.77 -22.08
C THR A 502 25.39 7.77 -20.62
N TYR A 503 24.92 6.81 -19.83
CA TYR A 503 25.49 6.67 -18.48
C TYR A 503 25.57 5.19 -18.22
N THR A 504 26.65 4.75 -17.57
CA THR A 504 26.78 3.35 -17.30
C THR A 504 26.06 2.98 -15.98
N VAL A 505 25.26 1.94 -16.02
CA VAL A 505 24.59 1.43 -14.80
C VAL A 505 25.20 0.07 -14.42
N PRO A 506 25.97 0.05 -13.31
CA PRO A 506 26.56 -1.21 -12.89
C PRO A 506 25.50 -2.26 -12.43
N PRO A 507 25.88 -3.54 -12.30
CA PRO A 507 24.90 -4.51 -11.84
C PRO A 507 24.30 -4.09 -10.49
N LEU A 508 23.04 -4.47 -10.29
CA LEU A 508 22.36 -4.32 -8.98
C LEU A 508 22.49 -2.89 -8.46
N THR A 509 22.17 -1.91 -9.30
CA THR A 509 22.26 -0.50 -8.93
C THR A 509 20.99 0.25 -9.35
N ALA A 510 20.53 1.21 -8.55
CA ALA A 510 19.40 2.04 -8.94
C ALA A 510 19.88 3.46 -8.85
N TYR A 511 19.59 4.30 -9.86
CA TYR A 511 19.94 5.70 -9.88
C TYR A 511 18.70 6.57 -10.06
N HIS A 512 18.73 7.75 -9.46
CA HIS A 512 17.79 8.83 -9.75
C HIS A 512 18.63 9.91 -10.42
N ILE A 513 18.29 10.22 -11.67
CA ILE A 513 18.99 11.22 -12.49
C ILE A 513 18.09 12.45 -12.60
N VAL A 514 18.64 13.63 -12.31
CA VAL A 514 17.86 14.87 -12.39
C VAL A 514 18.52 15.73 -13.44
N LEU A 515 17.80 15.98 -14.53
CA LEU A 515 18.34 16.75 -15.69
C LEU A 515 17.78 18.16 -15.65
N THR A 516 18.60 19.12 -16.06
CA THR A 516 18.15 20.51 -15.98
C THR A 516 18.50 21.19 -17.31
N THR A 517 17.68 22.17 -17.70
CA THR A 517 17.95 23.06 -18.82
C THR A 517 18.80 24.29 -18.44
N GLY A 518 19.08 24.45 -17.15
CA GLY A 518 20.01 25.51 -16.67
C GLY A 518 19.33 26.65 -15.96
C1 BTB B . 2.56 -10.05 8.58
O1 BTB B . 3.72 -10.31 9.38
C2 BTB B . 1.26 -10.18 9.39
C3 BTB B . 1.12 -11.67 9.76
O3 BTB B . -0.21 -12.03 10.15
C4 BTB B . 1.36 -9.31 10.63
O4 BTB B . 0.12 -9.28 11.36
N BTB B . 0.33 -9.70 8.33
C5 BTB B . 0.00 -10.73 7.32
C6 BTB B . -1.38 -10.35 6.74
O6 BTB B . -2.38 -11.02 7.57
C7 BTB B . 0.07 -8.27 8.02
C8 BTB B . -0.64 -7.49 9.16
O8 BTB B . -1.90 -8.05 9.46
CA CA C . -18.35 1.21 26.06
CL CL D . -9.68 -11.13 2.94
S SO4 E . 3.70 15.59 -1.86
O1 SO4 E . 2.26 15.73 -2.04
O2 SO4 E . 4.39 15.01 -2.97
O3 SO4 E . 4.19 16.93 -1.71
O4 SO4 E . 3.89 14.84 -0.62
S SO4 F . -18.90 13.89 27.21
O1 SO4 F . -20.27 14.11 27.70
O2 SO4 F . -18.52 12.51 27.49
O3 SO4 F . -18.90 14.29 25.79
O4 SO4 F . -17.90 14.72 27.92
O1 PG4 G . -4.14 -20.78 6.10
C1 PG4 G . -4.98 -19.64 5.90
C2 PG4 G . -4.40 -18.77 4.79
O2 PG4 G . -4.72 -19.35 3.53
C3 PG4 G . -4.18 -18.59 2.46
C4 PG4 G . -3.75 -19.53 1.33
O3 PG4 G . -4.85 -19.72 0.43
C5 PG4 G . -4.49 -19.87 -0.95
C6 PG4 G . -5.76 -19.92 -1.81
O4 PG4 G . -6.64 -20.85 -1.18
C7 PG4 G . -7.88 -21.10 -1.84
C8 PG4 G . -8.73 -22.01 -0.96
O5 PG4 G . -8.36 -23.39 -1.11
#